data_5F1E
#
_entry.id   5F1E
#
_cell.length_a   158.764
_cell.length_b   158.764
_cell.length_c   84.795
_cell.angle_alpha   90.00
_cell.angle_beta   90.00
_cell.angle_gamma   120.00
#
_symmetry.space_group_name_H-M   'P 63 2 2'
#
loop_
_entity.id
_entity.type
_entity.pdbx_description
1 polymer 'Sandercyanin Fluorescent Protein'
2 water water
#
_entity_poly.entity_id   1
_entity_poly.type   'polypeptide(L)'
_entity_poly.pdbx_seq_one_letter_code
;MFIKPGRCPKPAVQEDFDAARYLGVWYDIQRLPNKFQKGECATATYSLSPGVGFSVFNRERLANGTIKSVIGSAIAEDPC
EPAKLQFFHENAAPVPYWVLSTDYDNYALVYSCINLGASHAAYASIVSRQPTLPEETIKKLQGTMSSFGVGVDTLLTTNQ
DAAYCSAMNQKLAAALEHHHHHH
;
_entity_poly.pdbx_strand_id   A,B
#
# COMPACT_ATOMS: atom_id res chain seq x y z
N ILE A 3 -5.32 -0.78 -25.90
CA ILE A 3 -3.94 -0.54 -26.33
C ILE A 3 -3.81 0.42 -27.51
N LYS A 4 -3.15 1.54 -27.31
CA LYS A 4 -2.99 2.56 -28.34
C LYS A 4 -1.49 2.78 -28.56
N PRO A 5 -1.10 3.26 -29.73
CA PRO A 5 0.34 3.59 -29.88
C PRO A 5 0.75 4.84 -29.10
N GLY A 6 2.06 5.00 -28.89
CA GLY A 6 2.56 6.14 -28.14
C GLY A 6 2.72 5.83 -26.66
N ARG A 7 3.42 6.71 -25.96
CA ARG A 7 3.63 6.53 -24.52
C ARG A 7 2.47 7.10 -23.75
N CYS A 8 2.37 6.74 -22.48
CA CYS A 8 1.39 7.32 -21.58
C CYS A 8 1.48 8.82 -21.54
N PRO A 9 0.36 9.49 -21.75
CA PRO A 9 0.31 10.91 -21.43
C PRO A 9 0.41 11.10 -19.92
N LYS A 10 0.73 12.30 -19.48
CA LYS A 10 0.76 12.61 -18.05
C LYS A 10 -0.09 13.84 -17.78
N PRO A 11 -1.41 13.67 -17.78
CA PRO A 11 -2.30 14.82 -17.60
C PRO A 11 -2.18 15.44 -16.22
N ALA A 12 -2.73 16.63 -16.06
CA ALA A 12 -2.74 17.30 -14.78
C ALA A 12 -3.70 16.60 -13.82
N VAL A 13 -3.35 16.62 -12.53
CA VAL A 13 -4.22 16.02 -11.54
C VAL A 13 -4.90 17.09 -10.71
N GLN A 14 -5.95 16.68 -10.00
CA GLN A 14 -6.70 17.56 -9.13
C GLN A 14 -5.77 18.26 -8.13
N GLU A 15 -5.77 19.60 -8.15
CA GLU A 15 -4.98 20.34 -7.19
C GLU A 15 -5.54 20.25 -5.78
N ASP A 16 -4.66 20.19 -4.79
CA ASP A 16 -5.04 20.19 -3.38
C ASP A 16 -6.04 19.09 -3.07
N PHE A 17 -5.74 17.89 -3.58
CA PHE A 17 -6.65 16.77 -3.44
C PHE A 17 -6.84 16.37 -1.98
N ASP A 18 -8.10 16.31 -1.56
CA ASP A 18 -8.48 16.01 -0.18
C ASP A 18 -9.05 14.59 -0.07
N ALA A 19 -8.25 13.64 0.36
CA ALA A 19 -8.67 12.24 0.38
C ALA A 19 -9.91 12.01 1.25
N ALA A 20 -10.03 12.75 2.34
CA ALA A 20 -11.16 12.61 3.26
C ALA A 20 -12.52 12.91 2.60
N ARG A 21 -12.56 13.90 1.72
CA ARG A 21 -13.79 14.27 1.06
C ARG A 21 -14.13 13.29 -0.07
N TYR A 22 -13.13 12.53 -0.51
CA TYR A 22 -13.29 11.63 -1.65
C TYR A 22 -13.86 10.28 -1.21
N LEU A 23 -13.95 10.06 0.10
CA LEU A 23 -14.42 8.78 0.62
C LEU A 23 -15.91 8.61 0.33
N GLY A 24 -16.41 7.39 0.54
CA GLY A 24 -17.81 7.10 0.26
C GLY A 24 -18.04 6.36 -1.05
N VAL A 25 -19.26 6.47 -1.56
CA VAL A 25 -19.69 5.68 -2.71
C VAL A 25 -19.61 6.46 -4.02
N TRP A 26 -19.07 5.83 -5.05
CA TRP A 26 -19.03 6.40 -6.38
C TRP A 26 -19.62 5.42 -7.40
N TYR A 27 -20.36 5.93 -8.39
CA TYR A 27 -20.94 5.09 -9.44
C TYR A 27 -20.24 5.31 -10.75
N ASP A 28 -19.94 4.25 -11.49
CA ASP A 28 -19.36 4.40 -12.81
C ASP A 28 -20.42 4.94 -13.76
N ILE A 29 -20.09 6.00 -14.50
CA ILE A 29 -20.99 6.54 -15.51
C ILE A 29 -20.48 6.21 -16.91
N GLN A 30 -19.20 6.49 -17.16
CA GLN A 30 -18.57 6.12 -18.43
C GLN A 30 -17.15 5.61 -18.22
N ARG A 31 -16.71 4.69 -19.07
CA ARG A 31 -15.36 4.16 -18.97
C ARG A 31 -14.86 3.69 -20.32
N LEU A 32 -13.54 3.62 -20.46
CA LEU A 32 -12.92 3.01 -21.62
C LEU A 32 -13.12 1.51 -21.51
N PRO A 33 -13.08 0.80 -22.65
CA PRO A 33 -13.19 -0.67 -22.66
C PRO A 33 -12.02 -1.37 -21.97
N ASN A 34 -12.29 -2.45 -21.26
CA ASN A 34 -11.23 -3.29 -20.67
C ASN A 34 -11.72 -4.72 -20.38
N GLY A 39 -18.65 -6.63 -15.94
CA GLY A 39 -19.89 -6.26 -15.30
C GLY A 39 -20.37 -4.81 -15.41
N GLU A 40 -21.65 -4.65 -15.11
CA GLU A 40 -22.32 -3.37 -15.12
C GLU A 40 -22.66 -2.99 -13.69
N CYS A 41 -23.35 -1.85 -13.54
CA CYS A 41 -23.81 -1.39 -12.23
C CYS A 41 -22.66 -1.09 -11.28
N ALA A 42 -21.49 -0.81 -11.84
CA ALA A 42 -20.27 -0.72 -11.03
C ALA A 42 -20.28 0.43 -10.01
N THR A 43 -19.91 0.10 -8.78
CA THR A 43 -19.73 1.10 -7.74
C THR A 43 -18.38 0.86 -7.05
N ALA A 44 -17.78 1.93 -6.56
CA ALA A 44 -16.60 1.79 -5.73
C ALA A 44 -16.92 2.46 -4.41
N THR A 45 -16.46 1.87 -3.31
CA THR A 45 -16.69 2.46 -2.00
C THR A 45 -15.36 2.64 -1.30
N TYR A 46 -15.03 3.89 -0.99
CA TYR A 46 -13.75 4.21 -0.40
C TYR A 46 -13.91 4.46 1.11
N SER A 47 -13.05 3.84 1.91
CA SER A 47 -13.19 3.89 3.36
C SER A 47 -11.90 4.25 4.05
N LEU A 48 -12.02 4.68 5.30
CA LEU A 48 -10.90 4.85 6.22
C LEU A 48 -10.03 3.61 6.31
N SER A 49 -8.73 3.80 6.26
CA SER A 49 -7.80 2.70 6.49
C SER A 49 -7.04 2.93 7.79
N PRO A 50 -6.95 1.91 8.64
CA PRO A 50 -6.19 2.04 9.90
C PRO A 50 -4.72 2.35 9.62
N GLY A 51 -4.21 1.92 8.46
CA GLY A 51 -2.87 2.29 8.03
C GLY A 51 -2.79 3.63 7.31
N VAL A 52 -2.04 3.68 6.21
CA VAL A 52 -2.03 4.85 5.35
C VAL A 52 -2.91 4.57 4.14
N GLY A 53 -3.29 5.61 3.41
CA GLY A 53 -4.16 5.47 2.24
C GLY A 53 -5.57 5.10 2.61
N PHE A 54 -6.36 4.63 1.65
CA PHE A 54 -7.70 4.13 1.99
C PHE A 54 -8.04 2.75 1.43
N SER A 55 -9.05 2.12 2.02
CA SER A 55 -9.45 0.80 1.57
C SER A 55 -10.56 0.91 0.53
N VAL A 56 -10.58 -0.02 -0.40
CA VAL A 56 -11.45 0.06 -1.55
C VAL A 56 -12.33 -1.17 -1.65
N PHE A 57 -13.62 -0.96 -1.87
CA PHE A 57 -14.53 -2.05 -2.14
C PHE A 57 -15.26 -1.82 -3.49
N ASN A 58 -14.83 -2.51 -4.54
CA ASN A 58 -15.51 -2.46 -5.85
C ASN A 58 -16.59 -3.53 -6.01
N ARG A 59 -17.76 -3.15 -6.50
CA ARG A 59 -18.84 -4.10 -6.76
C ARG A 59 -19.35 -3.94 -8.19
N GLU A 60 -19.76 -5.04 -8.80
CA GLU A 60 -20.44 -4.97 -10.10
C GLU A 60 -21.36 -6.17 -10.31
N ARG A 61 -22.35 -5.99 -11.20
CA ARG A 61 -23.26 -7.06 -11.51
C ARG A 61 -22.73 -7.80 -12.73
N LEU A 62 -22.62 -9.12 -12.63
CA LEU A 62 -22.23 -9.89 -13.80
C LEU A 62 -23.47 -10.14 -14.67
N ALA A 63 -23.23 -10.49 -15.92
CA ALA A 63 -24.32 -10.76 -16.86
C ALA A 63 -25.29 -11.83 -16.38
N ASN A 64 -24.80 -12.77 -15.56
CA ASN A 64 -25.68 -13.78 -14.99
C ASN A 64 -26.46 -13.38 -13.72
N GLY A 65 -26.31 -12.13 -13.27
CA GLY A 65 -27.05 -11.64 -12.11
C GLY A 65 -26.31 -11.64 -10.79
N THR A 66 -25.13 -12.27 -10.76
CA THR A 66 -24.35 -12.34 -9.54
C THR A 66 -23.52 -11.08 -9.30
N ILE A 67 -23.30 -10.77 -8.02
CA ILE A 67 -22.44 -9.67 -7.62
C ILE A 67 -20.98 -10.11 -7.47
N LYS A 68 -20.11 -9.62 -8.32
CA LYS A 68 -18.68 -9.81 -8.14
C LYS A 68 -18.17 -8.67 -7.27
N SER A 69 -17.26 -8.95 -6.34
CA SER A 69 -16.70 -7.89 -5.52
C SER A 69 -15.20 -8.09 -5.30
N VAL A 70 -14.46 -6.99 -5.28
CA VAL A 70 -13.03 -7.09 -5.06
C VAL A 70 -12.58 -6.00 -4.08
N ILE A 71 -11.83 -6.41 -3.08
CA ILE A 71 -11.31 -5.47 -2.10
C ILE A 71 -9.91 -5.04 -2.50
N GLY A 72 -9.53 -3.84 -2.11
CA GLY A 72 -8.24 -3.32 -2.48
C GLY A 72 -7.77 -2.25 -1.53
N SER A 73 -6.56 -1.74 -1.80
CA SER A 73 -6.01 -0.67 -1.01
C SER A 73 -5.45 0.37 -1.97
N ALA A 74 -5.53 1.63 -1.58
CA ALA A 74 -5.04 2.70 -2.42
C ALA A 74 -4.08 3.55 -1.61
N ILE A 75 -2.89 3.78 -2.13
CA ILE A 75 -1.89 4.54 -1.39
C ILE A 75 -1.20 5.55 -2.27
N ALA A 76 -1.11 6.79 -1.80
CA ALA A 76 -0.29 7.78 -2.47
C ALA A 76 1.17 7.60 -2.05
N GLU A 77 2.00 7.09 -2.95
CA GLU A 77 3.39 6.78 -2.60
C GLU A 77 4.20 8.04 -2.27
N ASP A 78 4.05 9.06 -3.10
CA ASP A 78 4.58 10.36 -2.80
C ASP A 78 3.48 11.24 -2.22
N PRO A 79 3.56 11.51 -0.91
CA PRO A 79 2.56 12.34 -0.21
C PRO A 79 2.45 13.76 -0.75
N CYS A 80 3.43 14.24 -1.51
CA CYS A 80 3.38 15.59 -2.07
C CYS A 80 2.47 15.64 -3.29
N GLU A 81 2.10 14.47 -3.80
CA GLU A 81 1.15 14.33 -4.90
C GLU A 81 0.05 13.38 -4.46
N PRO A 82 -0.83 13.83 -3.55
CA PRO A 82 -1.84 12.94 -2.98
C PRO A 82 -2.88 12.41 -3.98
N ALA A 83 -2.92 12.97 -5.20
CA ALA A 83 -3.91 12.59 -6.19
C ALA A 83 -3.39 11.49 -7.10
N LYS A 84 -2.11 11.14 -6.95
CA LYS A 84 -1.54 10.05 -7.72
C LYS A 84 -1.37 8.81 -6.85
N LEU A 85 -2.33 7.91 -6.93
CA LEU A 85 -2.32 6.74 -6.07
C LEU A 85 -1.83 5.47 -6.77
N GLN A 86 -1.55 4.45 -5.96
CA GLN A 86 -1.32 3.13 -6.46
C GLN A 86 -2.48 2.32 -5.91
N PHE A 87 -3.07 1.48 -6.75
CA PHE A 87 -4.14 0.58 -6.32
C PHE A 87 -3.63 -0.82 -6.23
N PHE A 88 -3.91 -1.47 -5.11
CA PHE A 88 -3.50 -2.84 -4.91
C PHE A 88 -4.76 -3.66 -4.74
N HIS A 89 -5.06 -4.51 -5.70
CA HIS A 89 -6.21 -5.39 -5.60
C HIS A 89 -5.70 -6.76 -5.22
N GLU A 90 -6.62 -7.59 -4.71
CA GLU A 90 -6.29 -8.96 -4.40
C GLU A 90 -5.89 -9.69 -5.68
N ASN A 91 -4.75 -10.37 -5.64
CA ASN A 91 -4.24 -11.13 -6.80
C ASN A 91 -3.96 -10.32 -8.08
N ALA A 92 -3.87 -9.01 -7.95
CA ALA A 92 -3.52 -8.14 -9.07
C ALA A 92 -2.17 -7.49 -8.79
N ALA A 93 -1.48 -7.05 -9.85
CA ALA A 93 -0.27 -6.26 -9.69
C ALA A 93 -0.72 -4.81 -9.46
N PRO A 94 0.12 -3.98 -8.82
CA PRO A 94 -0.25 -2.58 -8.53
C PRO A 94 -0.49 -1.81 -9.83
N VAL A 95 -1.52 -0.97 -9.88
CA VAL A 95 -1.76 -0.10 -11.04
C VAL A 95 -1.88 1.35 -10.61
N PRO A 96 -1.46 2.29 -11.47
CA PRO A 96 -1.62 3.71 -11.12
C PRO A 96 -3.07 4.09 -11.12
N TYR A 97 -3.42 5.06 -10.30
CA TYR A 97 -4.78 5.58 -10.25
C TYR A 97 -4.68 7.09 -9.97
N TRP A 98 -5.01 7.89 -10.99
CA TRP A 98 -4.90 9.35 -10.86
C TRP A 98 -6.27 10.01 -10.83
N VAL A 99 -6.54 10.81 -9.81
CA VAL A 99 -7.75 11.62 -9.80
C VAL A 99 -7.47 12.91 -10.55
N LEU A 100 -7.87 13.00 -11.82
CA LEU A 100 -7.60 14.16 -12.66
C LEU A 100 -8.43 15.38 -12.27
N SER A 101 -9.63 15.13 -11.74
CA SER A 101 -10.58 16.21 -11.54
C SER A 101 -11.75 15.73 -10.71
N THR A 102 -12.06 16.45 -9.64
CA THR A 102 -13.22 16.07 -8.84
C THR A 102 -13.75 17.27 -8.06
N ASP A 103 -15.03 17.26 -7.77
CA ASP A 103 -15.68 18.24 -6.97
C ASP A 103 -16.17 17.62 -5.69
N TYR A 104 -15.75 16.41 -5.42
CA TYR A 104 -16.11 15.65 -4.24
C TYR A 104 -17.55 15.33 -3.97
N ASP A 105 -18.47 16.15 -4.41
CA ASP A 105 -19.89 15.87 -4.17
C ASP A 105 -20.70 15.51 -5.34
N ASN A 106 -20.14 15.55 -6.53
CA ASN A 106 -20.88 15.19 -7.73
C ASN A 106 -20.16 14.24 -8.66
N TYR A 107 -19.01 14.67 -9.17
CA TYR A 107 -18.31 13.90 -10.17
C TYR A 107 -16.84 13.65 -9.79
N ALA A 108 -16.22 12.69 -10.48
CA ALA A 108 -14.77 12.60 -10.51
C ALA A 108 -14.36 12.03 -11.85
N LEU A 109 -13.14 12.32 -12.27
CA LEU A 109 -12.62 11.76 -13.50
C LEU A 109 -11.33 11.05 -13.10
N VAL A 110 -11.23 9.75 -13.39
CA VAL A 110 -10.06 9.00 -12.93
C VAL A 110 -9.33 8.37 -14.11
N TYR A 111 -8.02 8.30 -14.00
CA TYR A 111 -7.18 7.90 -15.10
C TYR A 111 -6.12 6.90 -14.65
N SER A 112 -5.76 6.01 -15.55
CA SER A 112 -4.76 5.02 -15.25
C SER A 112 -4.12 4.57 -16.55
N CYS A 113 -2.81 4.60 -16.61
CA CYS A 113 -2.14 4.25 -17.84
C CYS A 113 -0.84 3.50 -17.56
N ILE A 114 -0.58 2.46 -18.33
CA ILE A 114 0.65 1.69 -18.19
C ILE A 114 1.39 1.55 -19.53
N ASN A 115 2.69 1.84 -19.53
CA ASN A 115 3.51 1.78 -20.74
C ASN A 115 3.80 0.36 -21.20
N LEU A 116 3.73 0.13 -22.50
CA LEU A 116 4.11 -1.14 -23.10
C LEU A 116 5.03 -0.90 -24.28
N GLY A 117 6.28 -0.55 -24.02
CA GLY A 117 7.20 -0.23 -25.09
C GLY A 117 6.84 1.06 -25.80
N ALA A 118 6.46 0.92 -27.07
CA ALA A 118 6.07 2.08 -27.86
C ALA A 118 4.56 2.31 -27.77
N SER A 119 3.87 1.40 -27.09
CA SER A 119 2.44 1.54 -26.85
C SER A 119 2.11 1.72 -25.38
N HIS A 120 0.82 1.80 -25.08
CA HIS A 120 0.37 1.94 -23.71
C HIS A 120 -1.07 1.45 -23.59
N ALA A 121 -1.47 1.14 -22.36
CA ALA A 121 -2.80 0.65 -22.07
C ALA A 121 -3.39 1.64 -21.13
N ALA A 122 -4.60 2.09 -21.41
CA ALA A 122 -5.18 3.15 -20.62
C ALA A 122 -6.56 2.79 -20.10
N TYR A 123 -6.83 3.21 -18.89
CA TYR A 123 -8.15 3.10 -18.31
C TYR A 123 -8.56 4.51 -17.90
N ALA A 124 -9.83 4.83 -18.10
CA ALA A 124 -10.34 6.14 -17.73
C ALA A 124 -11.78 5.97 -17.38
N SER A 125 -12.25 6.80 -16.48
CA SER A 125 -13.57 6.59 -15.94
C SER A 125 -14.16 7.90 -15.45
N ILE A 126 -15.41 8.14 -15.82
CA ILE A 126 -16.15 9.23 -15.22
C ILE A 126 -17.06 8.61 -14.18
N VAL A 127 -17.00 9.13 -12.96
CA VAL A 127 -17.81 8.56 -11.90
C VAL A 127 -18.68 9.63 -11.26
N SER A 128 -19.66 9.22 -10.48
CA SER A 128 -20.58 10.17 -9.90
C SER A 128 -21.07 9.72 -8.52
N ARG A 129 -21.56 10.66 -7.72
CA ARG A 129 -22.10 10.33 -6.41
C ARG A 129 -23.50 9.74 -6.52
N GLN A 130 -24.10 9.92 -7.69
CA GLN A 130 -25.45 9.42 -7.97
C GLN A 130 -25.34 8.45 -9.14
N PRO A 131 -26.35 7.59 -9.33
CA PRO A 131 -26.33 6.65 -10.45
C PRO A 131 -26.32 7.33 -11.80
N THR A 132 -26.59 8.63 -11.83
CA THR A 132 -26.56 9.37 -13.10
C THR A 132 -25.75 10.61 -12.91
N LEU A 133 -25.38 11.22 -14.03
CA LEU A 133 -24.70 12.51 -13.99
C LEU A 133 -25.26 13.35 -15.14
N PRO A 134 -25.51 14.65 -14.91
CA PRO A 134 -26.00 15.58 -15.93
C PRO A 134 -25.17 15.59 -17.20
N GLU A 135 -25.82 15.70 -18.35
CA GLU A 135 -25.11 15.62 -19.63
C GLU A 135 -24.09 16.74 -19.81
N GLU A 136 -24.32 17.88 -19.16
CA GLU A 136 -23.40 19.01 -19.26
C GLU A 136 -22.05 18.67 -18.63
N THR A 137 -22.10 18.07 -17.44
CA THR A 137 -20.89 17.68 -16.73
C THR A 137 -20.10 16.64 -17.50
N ILE A 138 -20.81 15.66 -18.05
CA ILE A 138 -20.17 14.63 -18.86
C ILE A 138 -19.42 15.26 -20.02
N LYS A 139 -20.02 16.26 -20.64
CA LYS A 139 -19.42 16.94 -21.79
C LYS A 139 -18.13 17.64 -21.38
N LYS A 140 -18.17 18.31 -20.23
CA LYS A 140 -16.99 18.99 -19.71
C LYS A 140 -15.85 18.00 -19.54
N LEU A 141 -16.15 16.87 -18.89
CA LEU A 141 -15.13 15.86 -18.58
C LEU A 141 -14.64 15.13 -19.81
N GLN A 142 -15.50 14.93 -20.80
CA GLN A 142 -15.02 14.39 -22.08
C GLN A 142 -14.08 15.38 -22.76
N GLY A 143 -14.27 16.67 -22.47
CA GLY A 143 -13.41 17.71 -22.99
C GLY A 143 -12.01 17.52 -22.44
N THR A 144 -11.94 17.35 -21.13
CA THR A 144 -10.66 17.07 -20.46
C THR A 144 -9.98 15.83 -21.02
N MET A 145 -10.75 14.77 -21.27
CA MET A 145 -10.17 13.55 -21.80
C MET A 145 -9.60 13.75 -23.20
N SER A 146 -10.30 14.53 -24.02
CA SER A 146 -9.83 14.80 -25.38
C SER A 146 -8.48 15.50 -25.39
N SER A 147 -8.26 16.37 -24.41
CA SER A 147 -7.04 17.18 -24.33
C SER A 147 -5.75 16.37 -24.24
N PHE A 148 -5.85 15.13 -23.77
CA PHE A 148 -4.68 14.26 -23.75
C PHE A 148 -4.88 12.97 -24.56
N GLY A 149 -5.79 13.02 -25.53
CA GLY A 149 -5.83 12.03 -26.59
C GLY A 149 -6.76 10.84 -26.41
N VAL A 150 -7.68 10.92 -25.46
CA VAL A 150 -8.69 9.88 -25.34
C VAL A 150 -9.82 10.08 -26.36
N GLY A 151 -10.06 9.07 -27.18
CA GLY A 151 -11.15 9.12 -28.14
C GLY A 151 -12.50 8.99 -27.48
N VAL A 152 -13.30 10.05 -27.57
CA VAL A 152 -14.63 10.08 -26.97
C VAL A 152 -15.56 9.00 -27.53
N ASP A 153 -15.34 8.62 -28.79
CA ASP A 153 -16.14 7.58 -29.43
C ASP A 153 -16.01 6.25 -28.70
N THR A 154 -14.79 5.94 -28.29
CA THR A 154 -14.49 4.66 -27.64
C THR A 154 -15.08 4.48 -26.22
N LEU A 155 -15.80 5.49 -25.71
CA LEU A 155 -16.31 5.42 -24.34
C LEU A 155 -17.62 4.65 -24.22
N LEU A 156 -17.65 3.67 -23.32
CA LEU A 156 -18.86 2.90 -23.05
C LEU A 156 -19.67 3.52 -21.94
N THR A 157 -20.99 3.46 -22.05
CA THR A 157 -21.84 3.97 -21.00
C THR A 157 -22.20 2.83 -20.06
N THR A 158 -22.05 3.06 -18.77
CA THR A 158 -22.34 2.04 -17.79
C THR A 158 -23.83 1.98 -17.57
N ASN A 159 -24.38 0.77 -17.53
CA ASN A 159 -25.77 0.58 -17.22
C ASN A 159 -26.02 0.76 -15.73
N GLN A 160 -26.74 1.83 -15.35
CA GLN A 160 -27.05 2.05 -13.94
C GLN A 160 -28.54 2.06 -13.67
N ASP A 161 -29.29 1.41 -14.55
CA ASP A 161 -30.74 1.29 -14.44
C ASP A 161 -31.17 0.70 -13.10
N ALA A 162 -32.05 1.42 -12.39
CA ALA A 162 -32.52 1.01 -11.06
C ALA A 162 -33.00 -0.44 -10.98
N ALA A 163 -33.77 -0.88 -11.97
CA ALA A 163 -34.35 -2.22 -11.98
C ALA A 163 -33.31 -3.31 -12.27
N TYR A 164 -32.50 -3.06 -13.30
CA TYR A 164 -31.43 -3.98 -13.68
C TYR A 164 -30.39 -4.12 -12.56
N CYS A 165 -30.22 -3.06 -11.79
CA CYS A 165 -29.20 -3.02 -10.75
C CYS A 165 -29.76 -3.29 -9.36
N SER A 166 -30.96 -3.86 -9.32
CA SER A 166 -31.66 -4.06 -8.04
C SER A 166 -30.93 -5.02 -7.10
N ALA A 167 -30.18 -5.96 -7.69
CA ALA A 167 -29.45 -6.96 -6.90
C ALA A 167 -28.31 -6.35 -6.05
N MET A 168 -27.96 -5.09 -6.33
CA MET A 168 -26.93 -4.40 -5.55
C MET A 168 -27.53 -3.76 -4.31
N ASN A 169 -28.71 -4.25 -3.91
CA ASN A 169 -29.51 -3.65 -2.84
C ASN A 169 -29.80 -2.17 -3.11
N PHE B 2 23.71 4.40 7.71
CA PHE B 2 23.60 2.94 7.49
C PHE B 2 24.15 2.45 6.13
N ILE B 3 25.28 3.04 5.72
CA ILE B 3 25.79 2.92 4.35
C ILE B 3 27.08 2.10 4.23
N LYS B 4 27.03 1.03 3.45
CA LYS B 4 28.18 0.18 3.25
C LYS B 4 28.45 0.07 1.76
N PRO B 5 29.68 -0.24 1.36
CA PRO B 5 29.89 -0.38 -0.08
C PRO B 5 29.28 -1.67 -0.61
N GLY B 6 29.18 -1.80 -1.93
CA GLY B 6 28.57 -2.96 -2.54
C GLY B 6 27.07 -2.82 -2.72
N ARG B 7 26.50 -3.69 -3.55
CA ARG B 7 25.07 -3.71 -3.77
C ARG B 7 24.35 -4.45 -2.65
N CYS B 8 23.05 -4.23 -2.56
CA CYS B 8 22.20 -5.01 -1.66
C CYS B 8 22.37 -6.50 -1.86
N PRO B 9 22.63 -7.22 -0.77
CA PRO B 9 22.51 -8.67 -0.84
C PRO B 9 21.04 -9.04 -0.99
N LYS B 10 20.76 -10.26 -1.42
CA LYS B 10 19.40 -10.76 -1.52
C LYS B 10 19.28 -12.08 -0.77
N PRO B 11 19.24 -11.99 0.57
CA PRO B 11 19.17 -13.22 1.37
C PRO B 11 17.87 -13.99 1.19
N ALA B 12 17.86 -15.24 1.67
CA ALA B 12 16.68 -16.09 1.58
C ALA B 12 15.61 -15.60 2.54
N VAL B 13 14.36 -15.70 2.15
CA VAL B 13 13.28 -15.33 3.03
C VAL B 13 12.61 -16.55 3.62
N GLN B 14 11.82 -16.32 4.67
CA GLN B 14 11.05 -17.35 5.32
C GLN B 14 10.16 -18.11 4.32
N GLU B 15 10.35 -19.41 4.22
CA GLU B 15 9.50 -20.22 3.34
C GLU B 15 8.09 -20.33 3.89
N ASP B 16 7.12 -20.35 2.98
CA ASP B 16 5.70 -20.57 3.33
C ASP B 16 5.24 -19.57 4.38
N PHE B 17 5.59 -18.31 4.18
CA PHE B 17 5.30 -17.29 5.17
C PHE B 17 3.80 -17.12 5.35
N ASP B 18 3.35 -17.15 6.61
CA ASP B 18 1.93 -17.08 6.98
C ASP B 18 1.63 -15.73 7.64
N ALA B 19 1.12 -14.79 6.89
CA ALA B 19 0.92 -13.45 7.43
C ALA B 19 0.00 -13.43 8.66
N ALA B 20 -1.00 -14.30 8.68
CA ALA B 20 -1.95 -14.36 9.80
C ALA B 20 -1.27 -14.66 11.15
N ARG B 21 -0.28 -15.56 11.13
CA ARG B 21 0.41 -15.93 12.35
C ARG B 21 1.38 -14.84 12.79
N TYR B 22 1.74 -13.97 11.85
CA TYR B 22 2.75 -12.95 12.10
C TYR B 22 2.17 -11.70 12.75
N LEU B 23 0.85 -11.61 12.81
CA LEU B 23 0.19 -10.44 13.37
C LEU B 23 0.45 -10.36 14.85
N GLY B 24 0.11 -9.22 15.46
CA GLY B 24 0.28 -9.06 16.89
C GLY B 24 1.45 -8.18 17.23
N VAL B 25 1.97 -8.35 18.44
CA VAL B 25 2.95 -7.43 18.97
C VAL B 25 4.34 -8.01 18.87
N TRP B 26 5.29 -7.20 18.40
CA TRP B 26 6.68 -7.61 18.35
C TRP B 26 7.57 -6.56 19.02
N TYR B 27 8.60 -7.00 19.74
CA TYR B 27 9.52 -6.09 20.43
C TYR B 27 10.88 -6.08 19.75
N ASP B 28 11.46 -4.91 19.57
CA ASP B 28 12.81 -4.86 19.02
C ASP B 28 13.81 -5.36 20.07
N ILE B 29 14.68 -6.29 19.66
CA ILE B 29 15.73 -6.76 20.55
C ILE B 29 17.09 -6.21 20.09
N GLN B 30 17.39 -6.32 18.81
CA GLN B 30 18.63 -5.78 18.25
C GLN B 30 18.41 -5.21 16.85
N ARG B 31 19.13 -4.16 16.50
CA ARG B 31 18.97 -3.54 15.20
C ARG B 31 20.26 -2.89 14.76
N LEU B 32 20.41 -2.71 13.45
CA LEU B 32 21.47 -1.87 12.91
C LEU B 32 21.16 -0.41 13.24
N PRO B 33 22.20 0.43 13.29
CA PRO B 33 22.03 1.88 13.50
C PRO B 33 21.26 2.58 12.37
N ASN B 34 20.40 3.54 12.72
CA ASN B 34 19.74 4.38 11.71
C ASN B 34 19.24 5.72 12.28
N GLY B 39 14.47 6.51 19.21
CA GLY B 39 13.86 5.96 20.40
C GLY B 39 14.14 4.50 20.76
N GLU B 40 13.86 4.22 22.04
CA GLU B 40 14.03 2.91 22.61
C GLU B 40 12.66 2.32 22.89
N CYS B 41 12.63 1.13 23.50
CA CYS B 41 11.39 0.47 23.87
C CYS B 41 10.52 0.15 22.68
N ALA B 42 11.11 0.07 21.49
CA ALA B 42 10.35 -0.08 20.26
C ALA B 42 9.50 -1.36 20.15
N THR B 43 8.23 -1.17 19.76
CA THR B 43 7.34 -2.28 19.46
C THR B 43 6.65 -2.02 18.14
N ALA B 44 6.32 -3.09 17.44
CA ALA B 44 5.50 -2.97 16.26
C ALA B 44 4.26 -3.81 16.52
N THR B 45 3.11 -3.33 16.08
CA THR B 45 1.89 -4.10 16.22
C THR B 45 1.26 -4.27 14.85
N TYR B 46 1.09 -5.50 14.42
CA TYR B 46 0.56 -5.79 13.10
C TYR B 46 -0.91 -6.24 13.19
N SER B 47 -1.76 -5.65 12.35
CA SER B 47 -3.20 -5.87 12.44
C SER B 47 -3.85 -6.21 11.12
N LEU B 48 -5.03 -6.81 11.22
CA LEU B 48 -5.90 -7.04 10.07
C LEU B 48 -6.14 -5.75 9.29
N SER B 49 -6.05 -5.84 7.98
CA SER B 49 -6.40 -4.70 7.14
C SER B 49 -7.64 -5.05 6.31
N PRO B 50 -8.62 -4.13 6.29
CA PRO B 50 -9.83 -4.35 5.47
C PRO B 50 -9.49 -4.51 3.99
N GLY B 51 -8.38 -3.92 3.54
CA GLY B 51 -7.90 -4.09 2.18
C GLY B 51 -7.01 -5.30 2.02
N VAL B 52 -5.90 -5.15 1.28
CA VAL B 52 -4.89 -6.20 1.21
C VAL B 52 -3.74 -5.84 2.17
N GLY B 53 -2.90 -6.81 2.48
CA GLY B 53 -1.78 -6.60 3.38
C GLY B 53 -2.22 -6.35 4.82
N PHE B 54 -1.33 -5.84 5.65
CA PHE B 54 -1.74 -5.52 7.01
C PHE B 54 -1.38 -4.12 7.45
N SER B 55 -2.03 -3.64 8.51
CA SER B 55 -1.75 -2.31 9.00
C SER B 55 -0.73 -2.39 10.14
N VAL B 56 0.07 -1.34 10.25
CA VAL B 56 1.21 -1.34 11.14
C VAL B 56 1.15 -0.19 12.12
N PHE B 57 1.38 -0.48 13.39
CA PHE B 57 1.49 0.56 14.39
C PHE B 57 2.84 0.46 15.13
N ASN B 58 3.80 1.31 14.79
CA ASN B 58 5.09 1.37 15.49
C ASN B 58 5.09 2.36 16.65
N ARG B 59 5.62 1.95 17.80
CA ARG B 59 5.72 2.83 18.97
C ARG B 59 7.14 2.81 19.51
N GLU B 60 7.60 3.94 20.02
CA GLU B 60 8.88 4.00 20.73
C GLU B 60 8.89 5.12 21.76
N ARG B 61 9.79 5.00 22.73
CA ARG B 61 9.97 6.03 23.74
C ARG B 61 11.06 6.96 23.28
N LEU B 62 10.77 8.25 23.26
CA LEU B 62 11.81 9.22 22.99
C LEU B 62 12.61 9.50 24.26
N ALA B 63 13.83 10.01 24.08
CA ALA B 63 14.74 10.26 25.21
C ALA B 63 14.11 11.18 26.26
N ASN B 64 13.17 12.02 25.83
CA ASN B 64 12.47 12.91 26.74
C ASN B 64 11.24 12.31 27.46
N GLY B 65 10.97 11.01 27.25
CA GLY B 65 9.87 10.34 27.93
C GLY B 65 8.56 10.22 27.15
N THR B 66 8.46 10.92 26.02
CA THR B 66 7.25 10.89 25.19
C THR B 66 7.19 9.67 24.25
N ILE B 67 5.97 9.23 23.97
CA ILE B 67 5.75 8.14 23.01
C ILE B 67 5.53 8.64 21.57
N LYS B 68 6.49 8.36 20.68
CA LYS B 68 6.33 8.65 19.27
C LYS B 68 5.61 7.45 18.67
N SER B 69 4.69 7.70 17.75
CA SER B 69 4.02 6.59 17.09
C SER B 69 3.82 6.88 15.61
N VAL B 70 3.97 5.85 14.79
CA VAL B 70 3.76 6.01 13.37
C VAL B 70 2.95 4.85 12.80
N ILE B 71 1.90 5.18 12.05
CA ILE B 71 1.05 4.18 11.43
C ILE B 71 1.53 3.92 10.03
N GLY B 72 1.33 2.70 9.55
CA GLY B 72 1.76 2.35 8.22
C GLY B 72 0.94 1.22 7.64
N SER B 73 1.31 0.82 6.43
CA SER B 73 0.66 -0.30 5.77
C SER B 73 1.73 -1.15 5.18
N ALA B 74 1.49 -2.45 5.12
CA ALA B 74 2.48 -3.37 4.59
C ALA B 74 1.81 -4.24 3.54
N ILE B 75 2.40 -4.32 2.35
CA ILE B 75 1.76 -5.09 1.29
C ILE B 75 2.79 -5.91 0.55
N ALA B 76 2.49 -7.18 0.35
CA ALA B 76 3.30 -8.01 -0.51
C ALA B 76 2.86 -7.78 -1.96
N GLU B 77 3.67 -7.07 -2.74
CA GLU B 77 3.32 -6.73 -4.12
C GLU B 77 3.15 -7.95 -5.01
N ASP B 78 4.12 -8.86 -4.96
CA ASP B 78 4.01 -10.17 -5.58
C ASP B 78 3.54 -11.20 -4.55
N PRO B 79 2.28 -11.63 -4.67
CA PRO B 79 1.67 -12.61 -3.75
C PRO B 79 2.38 -13.98 -3.75
N CYS B 80 3.18 -14.27 -4.76
CA CYS B 80 3.94 -15.52 -4.78
C CYS B 80 5.15 -15.48 -3.86
N GLU B 81 5.49 -14.29 -3.39
CA GLU B 81 6.54 -14.09 -2.40
C GLU B 81 6.00 -13.30 -1.23
N PRO B 82 5.16 -13.93 -0.40
CA PRO B 82 4.44 -13.18 0.64
C PRO B 82 5.34 -12.63 1.75
N ALA B 83 6.61 -13.02 1.79
CA ALA B 83 7.52 -12.58 2.82
C ALA B 83 8.30 -11.33 2.42
N LYS B 84 8.17 -10.94 1.17
CA LYS B 84 8.77 -9.70 0.69
C LYS B 84 7.72 -8.60 0.63
N LEU B 85 7.69 -7.74 1.64
CA LEU B 85 6.68 -6.70 1.69
C LEU B 85 7.22 -5.32 1.32
N GLN B 86 6.30 -4.38 1.14
CA GLN B 86 6.63 -2.99 0.98
C GLN B 86 5.96 -2.33 2.14
N PHE B 87 6.68 -1.46 2.84
CA PHE B 87 6.12 -0.73 3.95
C PHE B 87 5.86 0.70 3.55
N PHE B 88 4.66 1.17 3.82
CA PHE B 88 4.30 2.53 3.53
C PHE B 88 4.02 3.22 4.84
N HIS B 89 4.87 4.16 5.24
CA HIS B 89 4.62 4.94 6.45
C HIS B 89 4.10 6.30 6.06
N GLU B 90 3.45 6.96 7.02
CA GLU B 90 2.98 8.31 6.80
C GLU B 90 4.15 9.23 6.48
N ASN B 91 4.05 9.97 5.39
CA ASN B 91 5.09 10.92 4.97
C ASN B 91 6.48 10.30 4.67
N ALA B 92 6.52 8.99 4.46
CA ALA B 92 7.76 8.31 4.07
C ALA B 92 7.58 7.71 2.67
N ALA B 93 8.69 7.49 1.98
CA ALA B 93 8.64 6.77 0.71
C ALA B 93 8.60 5.26 1.02
N PRO B 94 8.09 4.44 0.10
CA PRO B 94 7.99 3.00 0.35
C PRO B 94 9.36 2.36 0.58
N VAL B 95 9.49 1.46 1.54
CA VAL B 95 10.74 0.74 1.77
C VAL B 95 10.51 -0.77 1.76
N PRO B 96 11.49 -1.55 1.32
CA PRO B 96 11.30 -2.99 1.35
C PRO B 96 11.33 -3.51 2.77
N TYR B 97 10.62 -4.60 3.03
CA TYR B 97 10.64 -5.22 4.34
C TYR B 97 10.54 -6.72 4.11
N TRP B 98 11.62 -7.45 4.45
CA TRP B 98 11.69 -8.89 4.19
C TRP B 98 11.74 -9.63 5.49
N VAL B 99 10.88 -10.62 5.65
CA VAL B 99 10.95 -11.51 6.81
C VAL B 99 11.87 -12.65 6.46
N LEU B 100 13.11 -12.61 6.92
CA LEU B 100 14.09 -13.62 6.55
C LEU B 100 13.86 -14.92 7.28
N SER B 101 13.31 -14.82 8.48
CA SER B 101 13.23 -15.99 9.34
C SER B 101 12.32 -15.74 10.53
N THR B 102 11.35 -16.62 10.76
CA THR B 102 10.46 -16.44 11.92
C THR B 102 9.84 -17.77 12.34
N ASP B 103 9.53 -17.86 13.60
CA ASP B 103 8.86 -18.96 14.17
C ASP B 103 7.47 -18.57 14.62
N TYR B 104 7.14 -17.31 14.47
CA TYR B 104 5.85 -16.71 14.75
C TYR B 104 5.47 -16.58 16.16
N ASP B 105 6.09 -17.36 16.99
CA ASP B 105 5.75 -17.38 18.39
C ASP B 105 6.82 -16.88 19.29
N ASN B 106 8.01 -16.72 18.78
CA ASN B 106 9.14 -16.28 19.59
C ASN B 106 9.95 -15.18 18.96
N TYR B 107 10.50 -15.43 17.78
CA TYR B 107 11.43 -14.50 17.17
C TYR B 107 11.07 -14.21 15.71
N ALA B 108 11.61 -13.12 15.18
CA ALA B 108 11.65 -12.89 13.75
C ALA B 108 12.91 -12.11 13.43
N LEU B 109 13.40 -12.27 12.20
CA LEU B 109 14.55 -11.53 11.73
C LEU B 109 14.08 -10.79 10.49
N VAL B 110 14.18 -9.46 10.52
CA VAL B 110 13.67 -8.68 9.40
C VAL B 110 14.76 -7.85 8.73
N TYR B 111 14.66 -7.69 7.43
CA TYR B 111 15.70 -7.09 6.65
C TYR B 111 15.15 -6.07 5.68
N SER B 112 15.95 -5.06 5.40
CA SER B 112 15.54 -4.00 4.49
C SER B 112 16.75 -3.31 3.91
N CYS B 113 16.83 -3.27 2.60
CA CYS B 113 18.03 -2.74 2.00
C CYS B 113 17.67 -1.92 0.75
N ILE B 114 18.30 -0.76 0.57
CA ILE B 114 18.08 0.07 -0.60
C ILE B 114 19.40 0.42 -1.31
N ASN B 115 19.45 0.21 -2.62
CA ASN B 115 20.67 0.51 -3.39
C ASN B 115 20.94 2.00 -3.55
N LEU B 116 22.22 2.37 -3.43
CA LEU B 116 22.67 3.72 -3.68
C LEU B 116 23.88 3.70 -4.61
N GLY B 117 23.66 3.37 -5.87
CA GLY B 117 24.76 3.30 -6.79
C GLY B 117 25.63 2.10 -6.53
N ALA B 118 26.87 2.36 -6.09
CA ALA B 118 27.78 1.28 -5.79
C ALA B 118 27.72 0.91 -4.30
N SER B 119 26.94 1.68 -3.55
CA SER B 119 26.72 1.40 -2.14
C SER B 119 25.28 0.98 -1.87
N HIS B 120 24.97 0.77 -0.60
CA HIS B 120 23.61 0.48 -0.19
C HIS B 120 23.40 0.87 1.26
N ALA B 121 22.14 1.02 1.63
CA ALA B 121 21.76 1.33 3.00
C ALA B 121 20.92 0.16 3.49
N ALA B 122 21.22 -0.33 4.68
CA ALA B 122 20.57 -1.53 5.15
C ALA B 122 19.98 -1.31 6.52
N TYR B 123 18.81 -1.91 6.73
CA TYR B 123 18.23 -2.00 8.06
C TYR B 123 18.01 -3.47 8.37
N ALA B 124 18.27 -3.86 9.61
CA ALA B 124 18.07 -5.24 10.03
C ALA B 124 17.69 -5.22 11.47
N SER B 125 16.91 -6.19 11.86
CA SER B 125 16.31 -6.16 13.18
C SER B 125 15.96 -7.57 13.64
N ILE B 126 16.32 -7.86 14.88
CA ILE B 126 15.86 -9.08 15.52
C ILE B 126 14.74 -8.66 16.43
N VAL B 127 13.59 -9.32 16.31
CA VAL B 127 12.44 -8.97 17.12
C VAL B 127 11.90 -10.19 17.89
N SER B 128 11.08 -9.95 18.88
CA SER B 128 10.64 -11.02 19.74
C SER B 128 9.21 -10.79 20.21
N ARG B 129 8.54 -11.86 20.61
CA ARG B 129 7.18 -11.74 21.14
C ARG B 129 7.18 -11.27 22.59
N GLN B 130 8.36 -11.35 23.20
CA GLN B 130 8.57 -10.93 24.59
C GLN B 130 9.60 -9.81 24.58
N PRO B 131 9.67 -9.03 25.67
CA PRO B 131 10.65 -7.93 25.73
C PRO B 131 12.09 -8.42 25.71
N THR B 132 12.27 -9.72 25.92
CA THR B 132 13.61 -10.29 25.83
C THR B 132 13.60 -11.49 24.90
N LEU B 133 14.79 -11.92 24.51
CA LEU B 133 14.93 -13.13 23.73
C LEU B 133 16.18 -13.87 24.25
N PRO B 134 16.10 -15.20 24.40
CA PRO B 134 17.23 -16.01 24.88
C PRO B 134 18.50 -15.80 24.07
N GLU B 135 19.65 -15.82 24.73
CA GLU B 135 20.92 -15.54 24.07
C GLU B 135 21.24 -16.55 22.96
N GLU B 136 20.76 -17.77 23.11
CA GLU B 136 21.01 -18.80 22.11
C GLU B 136 20.35 -18.45 20.77
N THR B 137 19.11 -17.97 20.86
CA THR B 137 18.36 -17.60 19.66
C THR B 137 19.00 -16.41 18.94
N ILE B 138 19.41 -15.42 19.73
CA ILE B 138 20.10 -14.25 19.20
C ILE B 138 21.35 -14.68 18.43
N LYS B 139 22.08 -15.63 18.99
CA LYS B 139 23.30 -16.11 18.36
C LYS B 139 23.01 -16.76 17.01
N LYS B 140 21.97 -17.58 16.98
CA LYS B 140 21.56 -18.23 15.75
C LYS B 140 21.28 -17.19 14.68
N LEU B 141 20.50 -16.17 15.04
CA LEU B 141 20.06 -15.14 14.11
C LEU B 141 21.22 -14.22 13.69
N GLN B 142 22.17 -13.98 14.58
CA GLN B 142 23.36 -13.24 14.19
C GLN B 142 24.18 -14.05 13.20
N GLY B 143 24.07 -15.37 13.28
CA GLY B 143 24.72 -16.25 12.34
C GLY B 143 24.16 -16.01 10.96
N THR B 144 22.83 -16.00 10.86
CA THR B 144 22.16 -15.74 9.61
C THR B 144 22.56 -14.38 9.02
N MET B 145 22.65 -13.37 9.87
CA MET B 145 23.05 -12.05 9.40
C MET B 145 24.47 -12.02 8.86
N SER B 146 25.37 -12.72 9.53
CA SER B 146 26.75 -12.81 9.06
C SER B 146 26.87 -13.40 7.65
N SER B 147 26.01 -14.37 7.34
CA SER B 147 26.07 -15.06 6.05
C SER B 147 25.88 -14.16 4.84
N PHE B 148 25.26 -13.01 5.03
CA PHE B 148 25.15 -12.07 3.93
C PHE B 148 25.78 -10.70 4.26
N GLY B 149 26.70 -10.70 5.22
CA GLY B 149 27.65 -9.63 5.37
C GLY B 149 27.34 -8.54 6.35
N VAL B 150 26.39 -8.79 7.23
CA VAL B 150 26.11 -7.84 8.29
C VAL B 150 27.12 -8.01 9.43
N GLY B 151 27.82 -6.93 9.77
CA GLY B 151 28.76 -6.95 10.87
C GLY B 151 28.07 -6.99 12.22
N VAL B 152 28.25 -8.10 12.93
CA VAL B 152 27.65 -8.31 14.24
C VAL B 152 28.06 -7.24 15.28
N ASP B 153 29.26 -6.70 15.12
CA ASP B 153 29.74 -5.65 16.01
C ASP B 153 28.84 -4.42 15.96
N THR B 154 28.43 -4.04 14.74
CA THR B 154 27.61 -2.86 14.52
C THR B 154 26.15 -2.92 15.06
N LEU B 155 25.78 -4.01 15.72
CA LEU B 155 24.41 -4.17 16.18
C LEU B 155 24.17 -3.53 17.54
N LEU B 156 23.14 -2.70 17.62
CA LEU B 156 22.77 -2.07 18.87
C LEU B 156 21.75 -2.91 19.61
N THR B 157 21.82 -2.90 20.94
CA THR B 157 20.82 -3.59 21.72
C THR B 157 19.75 -2.61 22.16
N THR B 158 18.50 -2.97 21.95
CA THR B 158 17.39 -2.10 22.29
C THR B 158 17.15 -2.19 23.78
N ASN B 159 16.93 -1.06 24.42
CA ASN B 159 16.59 -1.03 25.82
C ASN B 159 15.12 -1.41 26.03
N GLN B 160 14.87 -2.57 26.64
CA GLN B 160 13.49 -3.00 26.89
C GLN B 160 13.22 -3.16 28.38
N ASP B 161 13.97 -2.45 29.19
CA ASP B 161 13.82 -2.47 30.64
C ASP B 161 12.39 -2.10 31.06
N ALA B 162 11.79 -2.97 31.88
CA ALA B 162 10.41 -2.77 32.35
C ALA B 162 10.13 -1.39 32.93
N ALA B 163 11.05 -0.89 33.76
CA ALA B 163 10.87 0.40 34.43
C ALA B 163 11.04 1.59 33.49
N TYR B 164 12.10 1.55 32.69
CA TYR B 164 12.36 2.62 31.71
C TYR B 164 11.25 2.69 30.67
N CYS B 165 10.62 1.55 30.39
CA CYS B 165 9.62 1.47 29.32
C CYS B 165 8.21 1.50 29.87
N SER B 166 8.05 1.93 31.12
CA SER B 166 6.74 1.91 31.78
C SER B 166 5.72 2.81 31.08
N ALA B 167 6.19 3.88 30.44
CA ALA B 167 5.28 4.83 29.78
C ALA B 167 4.55 4.22 28.57
N MET B 168 4.99 3.04 28.13
CA MET B 168 4.34 2.33 27.02
C MET B 168 3.18 1.48 27.55
N ASN B 169 2.71 1.82 28.75
CA ASN B 169 1.70 1.04 29.47
C ASN B 169 2.15 -0.42 29.66
#